data_4EUO
#
_entry.id   4EUO
#
_cell.length_a   59.090
_cell.length_b   59.090
_cell.length_c   150.500
_cell.angle_alpha   90.00
_cell.angle_beta   90.00
_cell.angle_gamma   120.00
#
_symmetry.space_group_name_H-M   'P 32 2 1'
#
loop_
_entity.id
_entity.type
_entity.pdbx_description
1 polymer 'ABC transporter, substrate binding protein (Polyamine)'
2 non-polymer GLYCEROL
3 non-polymer 'GAMMA-AMINO-BUTANOIC ACID'
4 non-polymer 'SULFATE ION'
5 water water
#
_entity_poly.entity_id   1
_entity_poly.type   'polypeptide(L)'
_entity_poly.pdbx_seq_one_letter_code
;NDLVFSSWGGTTQDAQKAAWAEKFMVETGINVLQDGPTDYGKLKAMVEANGVTWDVVDVEGDYAAQAGPKGLLEKLDFSV
IDKTKLDPRFVTDYSVGSFYYSFVIGCNVDSVSACPKSWADLFDTAKFPGKRTFYKWSAPGVIEAALLADGVTADKLYPL
DLDRAFKKLDTIKSDIIWWSGGAQSQQLIASAEAPFGSVWNGRMTALEQSGVKVETSWAQNITAADSLVVPKGTKNKDAA
MKFIALATSAQAQADMATATGYAPVNIESAKLMDPKIAKSLPDQQTESQVNADMNYWAQHRDEIGERWYAWQAKHHHHHH
;
_entity_poly.pdbx_strand_id   A
#
loop_
_chem_comp.id
_chem_comp.type
_chem_comp.name
_chem_comp.formula
ABU non-polymer 'GAMMA-AMINO-BUTANOIC ACID' 'C4 H9 N O2'
GOL non-polymer GLYCEROL 'C3 H8 O3'
SO4 non-polymer 'SULFATE ION' 'O4 S -2'
#
# COMPACT_ATOMS: atom_id res chain seq x y z
N ASP A 2 -12.41 11.48 21.34
CA ASP A 2 -11.90 11.60 19.98
C ASP A 2 -11.57 10.24 19.41
N LEU A 3 -11.68 10.10 18.08
CA LEU A 3 -11.31 8.85 17.41
C LEU A 3 -9.92 9.04 16.84
N VAL A 4 -9.06 7.99 16.94
CA VAL A 4 -7.71 8.06 16.42
C VAL A 4 -7.58 7.15 15.17
N PHE A 5 -7.13 7.75 14.08
CA PHE A 5 -6.87 7.06 12.81
C PHE A 5 -5.40 6.96 12.57
N SER A 6 -4.91 5.72 12.37
CA SER A 6 -3.49 5.48 12.07
C SER A 6 -3.33 5.10 10.62
N SER A 7 -2.36 5.70 9.95
CA SER A 7 -2.06 5.38 8.55
C SER A 7 -0.56 5.53 8.31
N TRP A 8 -0.16 5.69 7.04
CA TRP A 8 1.20 5.54 6.63
C TRP A 8 1.99 6.83 6.59
N GLY A 9 1.41 7.87 7.15
CA GLY A 9 2.08 9.15 7.27
C GLY A 9 2.19 9.91 5.97
N GLY A 10 2.78 11.08 6.09
CA GLY A 10 3.14 11.92 4.96
C GLY A 10 1.99 12.27 4.07
N THR A 11 2.28 12.33 2.77
CA THR A 11 1.32 12.79 1.78
C THR A 11 0.09 11.97 1.71
N THR A 12 0.22 10.63 1.88
CA THR A 12 -0.98 9.79 1.82
C THR A 12 -1.90 10.04 3.00
N GLN A 13 -1.34 10.06 4.21
CA GLN A 13 -2.20 10.28 5.38
C GLN A 13 -2.77 11.69 5.39
N ASP A 14 -2.02 12.67 4.92
CA ASP A 14 -2.57 14.03 4.83
C ASP A 14 -3.76 14.04 3.88
N ALA A 15 -3.68 13.30 2.78
CA ALA A 15 -4.79 13.23 1.82
C ALA A 15 -5.98 12.48 2.42
N GLN A 16 -5.75 11.38 3.18
CA GLN A 16 -6.86 10.69 3.83
C GLN A 16 -7.52 11.62 4.87
N LYS A 17 -6.72 12.42 5.56
CA LYS A 17 -7.24 13.38 6.54
C LYS A 17 -8.15 14.39 5.83
N ALA A 18 -7.71 14.96 4.70
CA ALA A 18 -8.53 15.92 3.97
C ALA A 18 -9.81 15.28 3.45
N ALA A 19 -9.72 14.04 2.92
CA ALA A 19 -10.89 13.39 2.32
C ALA A 19 -11.92 12.88 3.31
N TRP A 20 -11.49 12.47 4.53
CA TRP A 20 -12.36 11.78 5.49
C TRP A 20 -12.64 12.47 6.80
N ALA A 21 -11.66 13.18 7.37
CA ALA A 21 -11.82 13.68 8.73
C ALA A 21 -12.94 14.64 8.99
N GLU A 22 -13.10 15.69 8.15
CA GLU A 22 -14.21 16.62 8.35
C GLU A 22 -15.55 16.00 8.04
N LYS A 23 -15.63 15.14 7.02
CA LYS A 23 -16.87 14.46 6.70
C LYS A 23 -17.36 13.70 7.93
N PHE A 24 -16.45 13.01 8.65
CA PHE A 24 -16.80 12.23 9.83
C PHE A 24 -17.26 13.13 10.97
N MET A 25 -16.58 14.27 11.15
CA MET A 25 -16.82 15.25 12.22
C MET A 25 -18.18 15.87 12.06
N VAL A 26 -18.54 16.20 10.82
CA VAL A 26 -19.82 16.81 10.46
C VAL A 26 -20.97 15.82 10.69
N GLU A 27 -20.81 14.58 10.23
CA GLU A 27 -21.80 13.51 10.35
C GLU A 27 -22.06 13.03 11.79
N THR A 28 -21.02 12.92 12.63
CA THR A 28 -21.12 12.37 13.99
C THR A 28 -20.83 13.30 15.17
N GLY A 29 -20.17 14.43 14.91
CA GLY A 29 -19.72 15.33 15.96
C GLY A 29 -18.49 14.82 16.68
N ILE A 30 -17.83 13.76 16.12
CA ILE A 30 -16.63 13.16 16.70
C ILE A 30 -15.40 13.68 15.95
N ASN A 31 -14.41 14.20 16.70
CA ASN A 31 -13.15 14.73 16.18
C ASN A 31 -12.21 13.57 15.88
N VAL A 32 -11.54 13.63 14.71
CA VAL A 32 -10.58 12.61 14.29
C VAL A 32 -9.18 13.12 14.54
N LEU A 33 -8.36 12.31 15.21
CA LEU A 33 -6.97 12.63 15.45
C LEU A 33 -6.09 11.68 14.60
N GLN A 34 -4.95 12.18 14.16
CA GLN A 34 -4.05 11.36 13.31
C GLN A 34 -2.95 10.75 14.13
N ASP A 35 -2.62 9.49 13.86
CA ASP A 35 -1.47 8.88 14.45
C ASP A 35 -0.83 7.90 13.46
N GLY A 36 0.26 7.29 13.87
CA GLY A 36 1.01 6.36 13.08
C GLY A 36 2.50 6.66 13.14
N PRO A 37 3.26 6.15 12.19
CA PRO A 37 2.81 5.34 11.05
C PRO A 37 2.36 3.94 11.45
N THR A 38 1.48 3.35 10.63
CA THR A 38 1.04 1.99 10.89
C THR A 38 2.25 1.11 11.13
N ASP A 39 2.19 0.33 12.19
CA ASP A 39 3.27 -0.55 12.60
C ASP A 39 2.60 -1.73 13.26
N TYR A 40 2.80 -2.93 12.69
CA TYR A 40 2.10 -4.09 13.18
C TYR A 40 2.58 -4.53 14.55
N GLY A 41 3.85 -4.28 14.87
CA GLY A 41 4.37 -4.57 16.21
C GLY A 41 3.70 -3.68 17.25
N LYS A 42 3.57 -2.38 16.95
CA LYS A 42 2.89 -1.45 17.87
C LYS A 42 1.40 -1.79 18.00
N LEU A 43 0.76 -2.24 16.91
CA LEU A 43 -0.66 -2.62 16.96
C LEU A 43 -0.79 -3.80 17.92
N LYS A 44 0.00 -4.85 17.71
CA LYS A 44 -0.06 -6.01 18.58
C LYS A 44 0.26 -5.60 20.04
N ALA A 45 1.27 -4.76 20.25
CA ALA A 45 1.60 -4.37 21.62
C ALA A 45 0.44 -3.67 22.33
N MET A 46 -0.28 -2.78 21.63
CA MET A 46 -1.39 -2.06 22.28
C MET A 46 -2.56 -2.96 22.55
N VAL A 47 -2.78 -3.93 21.68
CA VAL A 47 -3.85 -4.91 21.90
C VAL A 47 -3.50 -5.75 23.13
N GLU A 48 -2.26 -6.23 23.21
CA GLU A 48 -1.82 -7.08 24.33
C GLU A 48 -1.80 -6.32 25.66
N ALA A 49 -1.58 -5.02 25.63
CA ALA A 49 -1.54 -4.23 26.87
C ALA A 49 -2.94 -3.78 27.27
N ASN A 50 -3.98 -4.12 26.46
CA ASN A 50 -5.31 -3.59 26.64
C ASN A 50 -5.24 -2.06 26.71
N GLY A 51 -4.41 -1.50 25.83
CA GLY A 51 -4.18 -0.07 25.77
C GLY A 51 -4.32 0.44 24.35
N VAL A 52 -5.38 0.02 23.66
CA VAL A 52 -5.56 0.41 22.27
C VAL A 52 -5.74 1.90 22.17
N THR A 53 -4.89 2.55 21.38
CA THR A 53 -5.01 3.98 21.18
C THR A 53 -5.25 4.32 19.70
N TRP A 54 -5.23 3.32 18.82
CA TRP A 54 -5.55 3.50 17.40
C TRP A 54 -6.91 2.86 17.21
N ASP A 55 -7.93 3.62 16.83
CA ASP A 55 -9.28 3.09 16.68
C ASP A 55 -9.56 2.49 15.28
N VAL A 56 -9.00 3.15 14.28
CA VAL A 56 -9.09 2.65 12.90
C VAL A 56 -7.67 2.71 12.37
N VAL A 57 -7.22 1.61 11.77
CA VAL A 57 -5.88 1.56 11.21
C VAL A 57 -5.96 1.19 9.72
N ASP A 58 -5.21 1.91 8.91
CA ASP A 58 -5.03 1.55 7.53
C ASP A 58 -3.82 0.59 7.48
N VAL A 59 -4.08 -0.65 7.02
CA VAL A 59 -3.07 -1.69 6.99
C VAL A 59 -2.96 -2.29 5.59
N GLU A 60 -1.93 -3.12 5.36
CA GLU A 60 -1.84 -3.85 4.12
C GLU A 60 -2.87 -4.98 4.12
N GLY A 61 -3.44 -5.27 2.94
CA GLY A 61 -4.51 -6.28 2.89
C GLY A 61 -4.11 -7.68 3.30
N ASP A 62 -2.85 -8.07 3.06
CA ASP A 62 -2.44 -9.42 3.46
C ASP A 62 -2.36 -9.53 4.98
N TYR A 63 -1.90 -8.46 5.65
CA TYR A 63 -1.92 -8.43 7.10
C TYR A 63 -3.38 -8.48 7.59
N ALA A 64 -4.28 -7.66 7.00
CA ALA A 64 -5.70 -7.63 7.45
C ALA A 64 -6.34 -9.00 7.38
N ALA A 65 -6.06 -9.76 6.30
CA ALA A 65 -6.70 -11.05 6.07
C ALA A 65 -6.26 -12.13 7.02
N GLN A 66 -5.17 -11.94 7.75
CA GLN A 66 -4.78 -12.94 8.73
C GLN A 66 -4.78 -12.47 10.17
N ALA A 67 -4.96 -11.17 10.42
CA ALA A 67 -4.87 -10.65 11.79
C ALA A 67 -6.11 -10.96 12.65
N GLY A 68 -7.26 -11.15 12.04
CA GLY A 68 -8.48 -11.46 12.81
C GLY A 68 -8.44 -12.74 13.64
N PRO A 69 -8.11 -13.88 12.97
CA PRO A 69 -7.97 -15.16 13.70
C PRO A 69 -6.89 -15.17 14.78
N LYS A 70 -5.92 -14.24 14.71
CA LYS A 70 -4.85 -14.10 15.70
C LYS A 70 -5.33 -13.34 16.95
N GLY A 71 -6.55 -12.83 16.91
CA GLY A 71 -7.13 -12.08 18.02
C GLY A 71 -6.72 -10.63 18.06
N LEU A 72 -6.24 -10.07 16.92
CA LEU A 72 -5.75 -8.69 16.91
C LEU A 72 -6.81 -7.65 16.61
N LEU A 73 -7.92 -8.06 16.00
CA LEU A 73 -8.93 -7.19 15.46
C LEU A 73 -10.34 -7.43 15.95
N GLU A 74 -11.14 -6.37 15.97
CA GLU A 74 -12.56 -6.50 16.22
C GLU A 74 -13.19 -6.98 14.94
N LYS A 75 -14.24 -7.83 15.06
CA LYS A 75 -15.01 -8.20 13.89
C LYS A 75 -15.73 -6.92 13.50
N LEU A 76 -15.80 -6.64 12.20
CA LEU A 76 -16.49 -5.41 11.78
C LEU A 76 -18.02 -5.56 11.91
N ASP A 77 -18.68 -4.43 12.18
CA ASP A 77 -20.15 -4.44 12.32
C ASP A 77 -20.74 -4.15 10.94
N PHE A 78 -21.14 -5.21 10.23
CA PHE A 78 -21.75 -5.06 8.91
C PHE A 78 -23.23 -4.64 8.93
N SER A 79 -23.78 -4.34 10.10
CA SER A 79 -25.12 -3.75 10.18
C SER A 79 -24.94 -2.23 10.05
N VAL A 80 -23.67 -1.74 10.25
CA VAL A 80 -23.32 -0.34 10.15
C VAL A 80 -22.55 -0.12 8.83
N ILE A 81 -21.52 -0.95 8.56
CA ILE A 81 -20.77 -0.86 7.31
C ILE A 81 -21.57 -1.64 6.26
N ASP A 82 -21.96 -0.96 5.22
CA ASP A 82 -22.74 -1.55 4.13
C ASP A 82 -21.79 -2.07 3.08
N LYS A 83 -21.64 -3.40 3.02
CA LYS A 83 -20.71 -4.00 2.07
CA LYS A 83 -20.72 -4.02 2.08
C LYS A 83 -21.22 -4.02 0.64
N THR A 84 -22.48 -3.60 0.42
CA THR A 84 -23.05 -3.64 -0.94
C THR A 84 -22.36 -2.85 -2.01
N LYS A 85 -21.63 -1.79 -1.66
CA LYS A 85 -20.92 -1.02 -2.67
C LYS A 85 -19.42 -1.15 -2.55
N LEU A 86 -18.94 -2.02 -1.66
CA LEU A 86 -17.50 -2.14 -1.41
C LEU A 86 -16.84 -3.17 -2.28
N ASP A 87 -15.58 -2.91 -2.70
CA ASP A 87 -14.86 -3.82 -3.55
C ASP A 87 -14.86 -5.18 -2.89
N PRO A 88 -15.50 -6.20 -3.50
CA PRO A 88 -15.65 -7.49 -2.82
C PRO A 88 -14.38 -8.27 -2.61
N ARG A 89 -13.28 -7.88 -3.30
CA ARG A 89 -12.03 -8.62 -3.16
C ARG A 89 -11.37 -8.41 -1.80
N PHE A 90 -11.75 -7.32 -1.13
CA PHE A 90 -11.08 -6.92 0.10
C PHE A 90 -11.94 -6.88 1.34
N VAL A 91 -13.11 -7.52 1.32
CA VAL A 91 -14.02 -7.58 2.46
C VAL A 91 -13.82 -8.92 3.16
N THR A 92 -13.55 -8.88 4.47
CA THR A 92 -13.46 -10.05 5.34
C THR A 92 -14.32 -9.75 6.57
N ASP A 93 -14.41 -10.71 7.50
CA ASP A 93 -15.14 -10.45 8.76
C ASP A 93 -14.48 -9.36 9.60
N TYR A 94 -13.18 -9.08 9.34
CA TYR A 94 -12.40 -8.13 10.13
C TYR A 94 -11.92 -6.90 9.35
N SER A 95 -12.25 -6.78 8.07
CA SER A 95 -11.66 -5.71 7.27
C SER A 95 -12.45 -5.39 6.03
N VAL A 96 -12.25 -4.19 5.52
CA VAL A 96 -12.75 -3.78 4.22
C VAL A 96 -11.60 -3.03 3.54
N GLY A 97 -11.69 -2.88 2.24
CA GLY A 97 -10.66 -2.14 1.53
C GLY A 97 -10.62 -0.66 1.87
N SER A 98 -9.43 -0.07 1.87
CA SER A 98 -9.16 1.33 2.09
C SER A 98 -8.88 2.04 0.76
N PHE A 99 -8.00 1.43 -0.06
CA PHE A 99 -7.67 1.94 -1.39
C PHE A 99 -6.91 0.88 -2.14
N TYR A 100 -6.87 1.01 -3.47
CA TYR A 100 -6.23 0.05 -4.35
C TYR A 100 -5.02 0.74 -4.96
N TYR A 101 -3.87 0.07 -4.99
CA TYR A 101 -2.65 0.72 -5.43
C TYR A 101 -1.78 -0.20 -6.24
N SER A 102 -0.68 0.37 -6.77
CA SER A 102 0.30 -0.43 -7.46
C SER A 102 1.70 -0.10 -6.98
N PHE A 103 2.58 -1.10 -7.05
CA PHE A 103 4.01 -0.84 -7.03
C PHE A 103 4.38 -0.57 -8.49
N VAL A 104 5.05 0.54 -8.73
CA VAL A 104 5.50 0.99 -10.04
C VAL A 104 6.95 1.31 -10.01
N ILE A 105 7.53 1.52 -11.19
CA ILE A 105 8.94 1.87 -11.26
C ILE A 105 9.04 3.38 -11.35
N GLY A 106 9.30 4.02 -10.21
CA GLY A 106 9.47 5.47 -10.17
C GLY A 106 10.88 5.85 -10.52
N CYS A 107 11.04 7.05 -11.12
CA CYS A 107 12.35 7.44 -11.56
C CYS A 107 12.56 8.94 -11.53
N ASN A 108 13.71 9.36 -10.99
CA ASN A 108 14.13 10.76 -11.02
C ASN A 108 14.85 10.89 -12.39
N VAL A 109 14.04 11.15 -13.41
CA VAL A 109 14.47 11.11 -14.80
C VAL A 109 15.70 11.96 -15.15
N ASP A 110 15.76 13.16 -14.61
CA ASP A 110 16.85 14.07 -14.93
C ASP A 110 18.16 13.76 -14.23
N SER A 111 18.18 12.79 -13.29
CA SER A 111 19.38 12.43 -12.55
CA SER A 111 19.38 12.44 -12.56
C SER A 111 20.08 11.19 -13.09
N VAL A 112 19.46 10.51 -14.06
CA VAL A 112 20.01 9.28 -14.59
C VAL A 112 20.12 9.34 -16.11
N SER A 113 20.97 8.49 -16.68
CA SER A 113 21.10 8.40 -18.13
C SER A 113 19.79 7.88 -18.72
N ALA A 114 19.18 6.87 -18.07
CA ALA A 114 17.93 6.29 -18.59
C ALA A 114 17.11 5.73 -17.45
N CYS A 115 15.78 5.94 -17.51
CA CYS A 115 14.91 5.31 -16.50
C CYS A 115 14.64 3.87 -16.87
N PRO A 116 14.73 2.95 -15.91
CA PRO A 116 14.31 1.57 -16.18
C PRO A 116 12.79 1.58 -16.45
N LYS A 117 12.38 0.81 -17.47
CA LYS A 117 10.99 0.74 -17.87
C LYS A 117 10.39 -0.55 -17.31
N SER A 118 11.15 -1.64 -17.34
CA SER A 118 10.66 -2.94 -16.90
C SER A 118 11.30 -3.41 -15.61
N TRP A 119 10.73 -4.47 -15.00
CA TRP A 119 11.37 -5.04 -13.82
C TRP A 119 12.74 -5.60 -14.23
N ALA A 120 12.81 -6.18 -15.46
CA ALA A 120 14.12 -6.65 -15.92
C ALA A 120 15.14 -5.50 -15.97
N ASP A 121 14.74 -4.32 -16.45
CA ASP A 121 15.66 -3.18 -16.46
C ASP A 121 16.10 -2.81 -15.06
N LEU A 122 15.11 -2.80 -14.10
CA LEU A 122 15.44 -2.39 -12.74
C LEU A 122 16.43 -3.36 -12.10
N PHE A 123 16.46 -4.60 -12.56
CA PHE A 123 17.40 -5.59 -12.06
C PHE A 123 18.70 -5.66 -12.89
N ASP A 124 18.90 -4.73 -13.84
CA ASP A 124 20.09 -4.75 -14.69
C ASP A 124 21.00 -3.59 -14.30
N THR A 125 21.95 -3.87 -13.40
CA THR A 125 22.89 -2.85 -12.93
C THR A 125 23.95 -2.46 -13.96
N ALA A 126 24.19 -3.30 -14.99
CA ALA A 126 25.17 -2.93 -16.02
C ALA A 126 24.60 -1.84 -16.91
N LYS A 127 23.35 -2.03 -17.33
CA LYS A 127 22.68 -1.12 -18.22
C LYS A 127 22.09 0.08 -17.52
N PHE A 128 21.66 -0.10 -16.26
CA PHE A 128 21.04 0.96 -15.46
C PHE A 128 21.80 1.01 -14.17
N PRO A 129 22.98 1.65 -14.18
CA PRO A 129 23.84 1.61 -12.99
C PRO A 129 23.34 2.36 -11.77
N GLY A 130 23.88 1.99 -10.62
CA GLY A 130 23.68 2.73 -9.40
C GLY A 130 22.72 2.12 -8.40
N LYS A 131 22.33 2.93 -7.44
CA LYS A 131 21.45 2.43 -6.39
CA LYS A 131 21.44 2.49 -6.38
C LYS A 131 20.00 2.43 -6.84
N ARG A 132 19.28 1.43 -6.36
CA ARG A 132 17.84 1.28 -6.64
C ARG A 132 17.17 1.01 -5.31
N THR A 133 15.90 1.39 -5.21
CA THR A 133 15.20 1.25 -3.92
C THR A 133 14.00 0.34 -3.97
N PHE A 134 13.84 -0.42 -2.89
CA PHE A 134 12.76 -1.39 -2.73
C PHE A 134 12.27 -1.30 -1.31
N TYR A 135 11.03 -1.76 -1.09
CA TYR A 135 10.40 -1.77 0.24
C TYR A 135 11.12 -2.71 1.17
N LYS A 136 11.39 -2.21 2.38
CA LYS A 136 12.15 -2.97 3.35
C LYS A 136 11.42 -4.14 3.96
N TRP A 137 10.12 -3.99 4.20
CA TRP A 137 9.36 -4.91 5.03
C TRP A 137 8.74 -6.04 4.26
N SER A 138 8.61 -7.20 4.92
CA SER A 138 8.00 -8.36 4.27
C SER A 138 6.57 -8.07 3.88
N ALA A 139 6.32 -8.05 2.56
CA ALA A 139 4.98 -7.75 2.06
C ALA A 139 4.97 -8.06 0.58
N PRO A 140 3.80 -8.34 -0.01
CA PRO A 140 3.73 -8.52 -1.45
C PRO A 140 4.40 -7.39 -2.21
N GLY A 141 5.16 -7.78 -3.25
CA GLY A 141 5.72 -6.81 -4.18
C GLY A 141 7.14 -7.10 -4.65
N VAL A 142 8.11 -7.07 -3.72
CA VAL A 142 9.52 -7.20 -4.14
C VAL A 142 9.80 -8.60 -4.66
N ILE A 143 9.32 -9.63 -3.98
CA ILE A 143 9.56 -11.00 -4.44
C ILE A 143 8.93 -11.18 -5.83
N GLU A 144 7.70 -10.71 -6.02
CA GLU A 144 7.05 -10.82 -7.32
C GLU A 144 7.83 -10.04 -8.39
N ALA A 145 8.31 -8.84 -8.07
CA ALA A 145 9.08 -8.08 -9.05
C ALA A 145 10.36 -8.82 -9.43
N ALA A 146 11.06 -9.43 -8.46
CA ALA A 146 12.28 -10.21 -8.75
C ALA A 146 11.93 -11.38 -9.68
N LEU A 147 10.82 -12.06 -9.43
CA LEU A 147 10.43 -13.21 -10.25
C LEU A 147 10.07 -12.75 -11.65
N LEU A 148 9.34 -11.64 -11.78
CA LEU A 148 9.02 -11.09 -13.10
C LEU A 148 10.26 -10.68 -13.83
N ALA A 149 11.22 -10.05 -13.14
CA ALA A 149 12.48 -9.63 -13.75
C ALA A 149 13.26 -10.86 -14.21
N ASP A 150 13.06 -12.01 -13.55
CA ASP A 150 13.73 -13.28 -13.87
C ASP A 150 12.95 -14.10 -14.91
N GLY A 151 11.93 -13.52 -15.51
CA GLY A 151 11.23 -14.17 -16.62
C GLY A 151 9.98 -14.94 -16.28
N VAL A 152 9.56 -15.01 -14.98
CA VAL A 152 8.29 -15.67 -14.60
C VAL A 152 7.13 -14.84 -15.17
N THR A 153 6.16 -15.51 -15.82
CA THR A 153 5.04 -14.76 -16.38
C THR A 153 4.05 -14.44 -15.27
N ALA A 154 3.31 -13.37 -15.46
CA ALA A 154 2.36 -12.88 -14.47
C ALA A 154 1.46 -13.95 -13.92
N ASP A 155 0.86 -14.77 -14.80
CA ASP A 155 -0.06 -15.79 -14.34
C ASP A 155 0.56 -16.99 -13.66
N LYS A 156 1.90 -17.07 -13.59
CA LYS A 156 2.56 -18.23 -12.98
C LYS A 156 3.37 -17.88 -11.73
N LEU A 157 3.07 -16.73 -11.10
CA LEU A 157 3.84 -16.33 -9.93
C LEU A 157 3.60 -17.19 -8.71
N TYR A 158 2.34 -17.65 -8.51
CA TYR A 158 1.97 -18.37 -7.30
C TYR A 158 1.80 -19.87 -7.51
N PRO A 159 2.28 -20.71 -6.59
CA PRO A 159 2.98 -20.37 -5.34
C PRO A 159 4.35 -19.78 -5.59
N LEU A 160 4.78 -18.88 -4.74
CA LEU A 160 6.04 -18.20 -4.97
C LEU A 160 7.24 -19.12 -4.90
N ASP A 161 8.19 -18.94 -5.84
CA ASP A 161 9.46 -19.65 -5.78
C ASP A 161 10.43 -18.71 -5.04
N LEU A 162 10.47 -18.83 -3.73
CA LEU A 162 11.27 -17.93 -2.90
C LEU A 162 12.74 -18.04 -3.18
N ASP A 163 13.26 -19.28 -3.38
CA ASP A 163 14.69 -19.47 -3.67
C ASP A 163 15.06 -18.77 -4.93
N ARG A 164 14.20 -18.85 -5.95
CA ARG A 164 14.50 -18.21 -7.22
C ARG A 164 14.47 -16.68 -7.04
N ALA A 165 13.47 -16.15 -6.31
CA ALA A 165 13.39 -14.72 -6.07
C ALA A 165 14.61 -14.22 -5.33
N PHE A 166 15.06 -14.93 -4.30
CA PHE A 166 16.21 -14.49 -3.52
C PHE A 166 17.50 -14.57 -4.35
N LYS A 167 17.63 -15.61 -5.21
CA LYS A 167 18.81 -15.65 -6.09
C LYS A 167 18.83 -14.46 -7.04
N LYS A 168 17.66 -14.05 -7.55
CA LYS A 168 17.58 -12.89 -8.44
C LYS A 168 17.90 -11.60 -7.66
N LEU A 169 17.35 -11.45 -6.45
CA LEU A 169 17.67 -10.29 -5.60
C LEU A 169 19.16 -10.24 -5.24
N ASP A 170 19.80 -11.41 -5.04
CA ASP A 170 21.24 -11.44 -4.72
C ASP A 170 22.06 -10.79 -5.81
N THR A 171 21.63 -10.84 -7.09
CA THR A 171 22.41 -10.24 -8.18
C THR A 171 22.53 -8.72 -8.06
N ILE A 172 21.64 -8.06 -7.27
CA ILE A 172 21.68 -6.61 -7.15
C ILE A 172 21.69 -6.17 -5.70
N LYS A 173 21.78 -7.10 -4.75
CA LYS A 173 21.64 -6.82 -3.33
C LYS A 173 22.48 -5.65 -2.83
N SER A 174 23.77 -5.59 -3.24
CA SER A 174 24.64 -4.51 -2.76
C SER A 174 24.26 -3.15 -3.31
N ASP A 175 23.38 -3.12 -4.33
CA ASP A 175 22.94 -1.85 -4.92
C ASP A 175 21.55 -1.43 -4.48
N ILE A 176 21.01 -2.13 -3.47
CA ILE A 176 19.70 -1.76 -2.94
C ILE A 176 19.83 -0.80 -1.75
N ILE A 177 19.03 0.25 -1.73
CA ILE A 177 18.83 1.07 -0.55
C ILE A 177 17.33 0.82 -0.23
N TRP A 178 17.03 0.36 0.96
CA TRP A 178 15.65 0.00 1.31
C TRP A 178 14.87 1.21 1.76
N TRP A 179 13.56 1.24 1.42
CA TRP A 179 12.69 2.28 1.96
C TRP A 179 11.78 1.64 3.01
N SER A 180 11.77 2.29 4.20
CA SER A 180 10.97 1.80 5.33
C SER A 180 9.54 2.30 5.30
N GLY A 181 9.31 3.39 4.60
CA GLY A 181 7.99 3.99 4.54
C GLY A 181 7.90 4.92 3.37
N GLY A 182 6.72 5.49 3.19
CA GLY A 182 6.45 6.28 2.01
C GLY A 182 7.30 7.51 1.84
N ALA A 183 7.47 8.28 2.92
CA ALA A 183 8.28 9.50 2.82
C ALA A 183 9.74 9.19 2.51
N GLN A 184 10.27 8.08 3.07
CA GLN A 184 11.64 7.69 2.74
C GLN A 184 11.75 7.30 1.27
N SER A 185 10.71 6.61 0.70
CA SER A 185 10.81 6.31 -0.73
C SER A 185 10.84 7.57 -1.55
N GLN A 186 10.05 8.58 -1.13
CA GLN A 186 10.03 9.85 -1.83
C GLN A 186 11.38 10.58 -1.72
N GLN A 187 11.98 10.56 -0.53
CA GLN A 187 13.30 11.19 -0.35
C GLN A 187 14.34 10.52 -1.22
N LEU A 188 14.38 9.18 -1.23
CA LEU A 188 15.38 8.47 -1.99
C LEU A 188 15.29 8.76 -3.48
N ILE A 189 14.07 8.78 -4.05
CA ILE A 189 13.89 9.09 -5.46
C ILE A 189 14.25 10.56 -5.70
N ALA A 190 13.61 11.49 -4.95
CA ALA A 190 13.79 12.91 -5.22
C ALA A 190 15.24 13.38 -5.05
N SER A 191 15.98 12.81 -4.13
CA SER A 191 17.37 13.20 -3.87
C SER A 191 18.35 12.55 -4.85
N ALA A 192 17.87 11.55 -5.61
CA ALA A 192 18.69 10.72 -6.48
C ALA A 192 19.69 9.89 -5.67
N GLU A 193 19.46 9.73 -4.34
CA GLU A 193 20.28 8.80 -3.58
C GLU A 193 20.01 7.38 -4.12
N ALA A 194 18.75 7.09 -4.48
CA ALA A 194 18.36 5.86 -5.21
C ALA A 194 17.36 6.36 -6.19
N PRO A 195 17.83 6.77 -7.38
CA PRO A 195 16.98 7.51 -8.31
C PRO A 195 15.88 6.75 -9.00
N PHE A 196 15.83 5.43 -8.81
CA PHE A 196 14.74 4.64 -9.34
C PHE A 196 14.49 3.46 -8.41
N GLY A 197 13.30 2.92 -8.47
CA GLY A 197 12.96 1.79 -7.64
C GLY A 197 11.50 1.46 -7.74
N SER A 198 11.12 0.45 -6.96
CA SER A 198 9.73 -0.01 -6.89
C SER A 198 9.04 0.70 -5.74
N VAL A 199 8.07 1.55 -6.03
CA VAL A 199 7.47 2.42 -5.04
C VAL A 199 5.96 2.43 -5.15
N TRP A 200 5.29 2.89 -4.09
CA TRP A 200 3.85 3.03 -4.09
C TRP A 200 3.49 4.12 -5.09
N ASN A 201 2.52 3.86 -5.99
CA ASN A 201 2.29 4.82 -7.08
C ASN A 201 1.90 6.20 -6.60
N GLY A 202 1.09 6.28 -5.59
CA GLY A 202 0.59 7.55 -5.09
C GLY A 202 1.69 8.40 -4.51
N ARG A 203 2.81 7.80 -4.07
CA ARG A 203 3.92 8.60 -3.55
C ARG A 203 4.58 9.37 -4.68
N MET A 204 4.54 8.83 -5.92
CA MET A 204 5.07 9.54 -7.09
C MET A 204 4.09 10.64 -7.50
N THR A 205 2.77 10.37 -7.45
CA THR A 205 1.77 11.41 -7.70
C THR A 205 2.01 12.57 -6.73
N ALA A 206 2.25 12.28 -5.44
CA ALA A 206 2.47 13.37 -4.47
C ALA A 206 3.72 14.16 -4.74
N LEU A 207 4.79 13.50 -5.14
CA LEU A 207 6.01 14.22 -5.49
C LEU A 207 5.74 15.18 -6.63
N GLU A 208 5.03 14.71 -7.68
CA GLU A 208 4.69 15.55 -8.83
C GLU A 208 3.81 16.71 -8.40
N GLN A 209 2.87 16.48 -7.48
CA GLN A 209 1.96 17.50 -6.97
C GLN A 209 2.76 18.60 -6.25
N SER A 210 3.90 18.23 -5.63
CA SER A 210 4.78 19.15 -4.91
C SER A 210 5.84 19.73 -5.82
N GLY A 211 5.63 19.57 -7.13
CA GLY A 211 6.52 20.14 -8.14
C GLY A 211 7.74 19.36 -8.54
N VAL A 212 7.96 18.16 -7.96
CA VAL A 212 9.11 17.34 -8.28
C VAL A 212 8.91 16.57 -9.60
N LYS A 213 9.93 16.61 -10.47
CA LYS A 213 9.86 15.94 -11.77
C LYS A 213 10.24 14.47 -11.62
N VAL A 214 9.23 13.62 -11.73
CA VAL A 214 9.41 12.16 -11.64
C VAL A 214 8.67 11.50 -12.78
N GLU A 215 9.19 10.37 -13.24
CA GLU A 215 8.56 9.56 -14.25
C GLU A 215 8.13 8.25 -13.57
N THR A 216 7.03 7.68 -14.06
CA THR A 216 6.55 6.39 -13.55
C THR A 216 6.38 5.44 -14.74
N SER A 217 6.97 4.24 -14.65
CA SER A 217 6.66 3.19 -15.61
C SER A 217 5.65 2.24 -14.96
N TRP A 218 4.52 2.03 -15.65
CA TRP A 218 3.47 1.12 -15.20
C TRP A 218 3.62 -0.27 -15.83
N ALA A 219 4.77 -0.55 -16.49
CA ALA A 219 4.94 -1.85 -17.11
C ALA A 219 5.00 -2.97 -16.06
N GLN A 220 4.08 -3.93 -16.16
CA GLN A 220 3.92 -5.02 -15.18
C GLN A 220 3.73 -4.45 -13.75
N ASN A 221 3.06 -3.31 -13.64
CA ASN A 221 2.82 -2.71 -12.30
C ASN A 221 2.12 -3.78 -11.44
N ILE A 222 2.46 -3.84 -10.15
CA ILE A 222 1.98 -4.89 -9.28
C ILE A 222 0.93 -4.33 -8.35
N THR A 223 -0.32 -4.80 -8.46
CA THR A 223 -1.40 -4.25 -7.66
C THR A 223 -1.57 -4.95 -6.33
N ALA A 224 -2.10 -4.20 -5.37
CA ALA A 224 -2.46 -4.68 -4.05
C ALA A 224 -3.45 -3.69 -3.46
N ALA A 225 -3.94 -3.93 -2.24
CA ALA A 225 -4.85 -2.98 -1.64
C ALA A 225 -4.57 -2.89 -0.18
N ASP A 226 -4.86 -1.72 0.38
CA ASP A 226 -4.85 -1.56 1.83
C ASP A 226 -6.27 -1.79 2.33
N SER A 227 -6.38 -1.97 3.65
CA SER A 227 -7.63 -2.23 4.32
C SER A 227 -7.77 -1.34 5.52
N LEU A 228 -9.02 -1.18 5.98
CA LEU A 228 -9.29 -0.51 7.27
C LEU A 228 -9.72 -1.58 8.25
N VAL A 229 -9.07 -1.54 9.44
CA VAL A 229 -9.33 -2.48 10.53
C VAL A 229 -9.47 -1.73 11.84
N VAL A 230 -10.02 -2.45 12.82
CA VAL A 230 -10.24 -1.90 14.16
C VAL A 230 -9.54 -2.77 15.16
N PRO A 231 -8.47 -2.28 15.81
CA PRO A 231 -7.77 -3.14 16.77
C PRO A 231 -8.66 -3.64 17.92
N LYS A 232 -8.48 -4.90 18.31
CA LYS A 232 -9.25 -5.50 19.39
C LYS A 232 -8.98 -4.78 20.71
N GLY A 233 -10.05 -4.24 21.30
CA GLY A 233 -9.93 -3.50 22.55
C GLY A 233 -10.07 -2.00 22.42
N THR A 234 -10.33 -1.48 21.21
CA THR A 234 -10.58 -0.06 21.04
C THR A 234 -11.64 0.39 22.06
N LYS A 235 -11.50 1.61 22.57
CA LYS A 235 -12.52 2.11 23.52
C LYS A 235 -13.58 2.88 22.75
N ASN A 236 -13.39 3.02 21.42
CA ASN A 236 -14.30 3.77 20.54
C ASN A 236 -14.85 2.84 19.42
N LYS A 237 -15.30 1.61 19.77
CA LYS A 237 -15.74 0.61 18.80
C LYS A 237 -16.85 1.09 17.88
N ASP A 238 -17.95 1.60 18.45
CA ASP A 238 -19.04 2.06 17.60
C ASP A 238 -18.61 3.20 16.67
N ALA A 239 -17.82 4.15 17.19
CA ALA A 239 -17.33 5.28 16.42
C ALA A 239 -16.39 4.78 15.29
N ALA A 240 -15.59 3.73 15.58
CA ALA A 240 -14.66 3.16 14.58
C ALA A 240 -15.44 2.58 13.41
N MET A 241 -16.53 1.86 13.71
CA MET A 241 -17.36 1.29 12.65
C MET A 241 -18.00 2.36 11.81
N LYS A 242 -18.47 3.46 12.44
CA LYS A 242 -19.02 4.58 11.70
C LYS A 242 -17.98 5.26 10.83
N PHE A 243 -16.72 5.32 11.33
CA PHE A 243 -15.67 5.95 10.56
C PHE A 243 -15.36 5.11 9.31
N ILE A 244 -15.32 3.78 9.48
CA ILE A 244 -15.05 2.91 8.33
C ILE A 244 -16.19 3.03 7.30
N ALA A 245 -17.46 3.09 7.79
CA ALA A 245 -18.60 3.24 6.88
C ALA A 245 -18.46 4.55 6.10
N LEU A 246 -18.02 5.62 6.76
CA LEU A 246 -17.84 6.89 6.10
C LEU A 246 -16.66 6.85 5.11
N ALA A 247 -15.49 6.39 5.58
CA ALA A 247 -14.28 6.40 4.75
C ALA A 247 -14.41 5.58 3.46
N THR A 248 -15.26 4.55 3.52
CA THR A 248 -15.48 3.66 2.37
C THR A 248 -16.71 4.01 1.55
N SER A 249 -17.39 5.11 1.91
CA SER A 249 -18.56 5.56 1.13
C SER A 249 -18.07 6.21 -0.19
N ALA A 250 -18.98 6.36 -1.16
CA ALA A 250 -18.63 6.75 -2.51
C ALA A 250 -17.92 8.05 -2.65
N GLN A 251 -18.49 9.13 -2.08
CA GLN A 251 -17.84 10.43 -2.22
C GLN A 251 -16.50 10.48 -1.48
N ALA A 252 -16.45 9.94 -0.26
CA ALA A 252 -15.23 9.89 0.55
C ALA A 252 -14.12 9.12 -0.21
N GLN A 253 -14.49 8.02 -0.89
CA GLN A 253 -13.50 7.25 -1.65
C GLN A 253 -13.05 8.02 -2.91
N ALA A 254 -14.02 8.67 -3.61
CA ALA A 254 -13.64 9.45 -4.78
C ALA A 254 -12.70 10.58 -4.33
N ASP A 255 -12.98 11.24 -3.20
CA ASP A 255 -12.10 12.32 -2.75
C ASP A 255 -10.72 11.84 -2.35
N MET A 256 -10.63 10.66 -1.73
CA MET A 256 -9.33 10.07 -1.37
C MET A 256 -8.57 9.81 -2.69
N ALA A 257 -9.26 9.23 -3.69
CA ALA A 257 -8.59 8.89 -4.94
C ALA A 257 -8.09 10.12 -5.69
N THR A 258 -8.95 11.14 -5.78
CA THR A 258 -8.57 12.38 -6.44
C THR A 258 -7.34 12.99 -5.76
N ALA A 259 -7.28 12.94 -4.43
CA ALA A 259 -6.20 13.55 -3.65
C ALA A 259 -4.91 12.76 -3.65
N THR A 260 -4.97 11.44 -3.98
CA THR A 260 -3.75 10.62 -3.85
C THR A 260 -3.21 10.00 -5.12
N GLY A 261 -4.07 9.71 -6.09
CA GLY A 261 -3.67 8.92 -7.25
C GLY A 261 -3.87 7.42 -7.01
N TYR A 262 -4.49 7.03 -5.90
CA TYR A 262 -4.84 5.62 -5.63
C TYR A 262 -6.26 5.41 -6.14
N ALA A 263 -6.62 4.16 -6.42
CA ALA A 263 -7.96 3.85 -6.91
C ALA A 263 -8.92 3.63 -5.77
N PRO A 264 -10.19 4.06 -5.94
CA PRO A 264 -11.19 3.83 -4.91
C PRO A 264 -11.61 2.36 -4.83
N VAL A 265 -12.14 1.99 -3.67
CA VAL A 265 -12.66 0.65 -3.37
C VAL A 265 -14.13 0.67 -3.01
N ASN A 266 -14.83 1.67 -3.58
CA ASN A 266 -16.29 1.77 -3.57
C ASN A 266 -16.62 1.81 -5.06
N ILE A 267 -17.52 0.92 -5.49
CA ILE A 267 -17.88 0.77 -6.90
C ILE A 267 -18.67 1.91 -7.49
N GLU A 268 -19.14 2.83 -6.66
CA GLU A 268 -19.87 4.00 -7.16
C GLU A 268 -19.05 5.28 -7.10
N SER A 269 -17.71 5.15 -6.83
CA SER A 269 -16.83 6.32 -6.74
C SER A 269 -16.34 6.86 -8.09
N ALA A 270 -15.95 5.98 -9.04
CA ALA A 270 -15.35 6.39 -10.32
C ALA A 270 -16.16 7.45 -11.06
N LYS A 271 -17.46 7.27 -11.07
CA LYS A 271 -18.39 8.18 -11.74
C LYS A 271 -18.41 9.61 -11.16
N LEU A 272 -17.91 9.80 -9.92
CA LEU A 272 -17.88 11.10 -9.26
C LEU A 272 -16.60 11.84 -9.56
N MET A 273 -15.65 11.15 -10.15
CA MET A 273 -14.36 11.76 -10.38
C MET A 273 -14.22 12.40 -11.72
N ASP A 274 -13.24 13.30 -11.83
CA ASP A 274 -12.86 13.94 -13.07
C ASP A 274 -12.32 12.79 -13.96
N PRO A 275 -12.92 12.59 -15.17
CA PRO A 275 -12.45 11.51 -16.05
C PRO A 275 -10.95 11.53 -16.35
N LYS A 276 -10.35 12.73 -16.43
CA LYS A 276 -8.91 12.90 -16.70
C LYS A 276 -8.05 12.32 -15.54
N ILE A 277 -8.57 12.37 -14.31
CA ILE A 277 -7.89 11.83 -13.12
C ILE A 277 -8.18 10.33 -13.03
N ALA A 278 -9.46 9.92 -13.21
CA ALA A 278 -9.85 8.51 -13.14
C ALA A 278 -9.10 7.60 -14.12
N LYS A 279 -8.76 8.10 -15.33
CA LYS A 279 -8.05 7.33 -16.35
C LYS A 279 -6.64 6.90 -15.95
N SER A 280 -6.01 7.62 -15.02
CA SER A 280 -4.63 7.38 -14.61
C SER A 280 -4.49 6.50 -13.36
N LEU A 281 -5.62 6.12 -12.74
CA LEU A 281 -5.58 5.37 -11.48
C LEU A 281 -5.17 3.93 -11.71
N PRO A 282 -4.62 3.26 -10.68
CA PRO A 282 -4.07 1.90 -10.88
C PRO A 282 -5.04 0.90 -11.48
N ASP A 283 -6.33 1.02 -11.18
CA ASP A 283 -7.29 0.06 -11.74
C ASP A 283 -7.56 0.25 -13.24
N GLN A 284 -7.00 1.32 -13.84
CA GLN A 284 -7.07 1.58 -15.28
C GLN A 284 -5.73 1.33 -15.98
N GLN A 285 -4.64 1.05 -15.22
CA GLN A 285 -3.30 0.87 -15.80
C GLN A 285 -3.11 -0.60 -16.07
N THR A 286 -3.96 -1.13 -16.98
CA THR A 286 -4.13 -2.55 -17.19
C THR A 286 -3.49 -3.14 -18.42
N GLU A 287 -2.84 -2.32 -19.24
CA GLU A 287 -2.16 -2.81 -20.47
C GLU A 287 -1.19 -3.95 -20.14
N SER A 288 -0.39 -3.72 -19.08
CA SER A 288 0.57 -4.72 -18.64
C SER A 288 0.58 -4.56 -17.14
N GLN A 289 -0.17 -5.41 -16.47
CA GLN A 289 -0.36 -5.32 -15.02
C GLN A 289 -0.33 -6.72 -14.41
N VAL A 290 0.18 -6.81 -13.17
CA VAL A 290 0.27 -8.05 -12.41
C VAL A 290 -0.51 -7.84 -11.11
N ASN A 291 -1.31 -8.80 -10.68
CA ASN A 291 -2.07 -8.63 -9.47
C ASN A 291 -1.45 -9.45 -8.36
N ALA A 292 -0.91 -8.81 -7.31
CA ALA A 292 -0.39 -9.57 -6.20
C ALA A 292 -1.54 -10.28 -5.49
N ASP A 293 -1.23 -11.45 -4.95
CA ASP A 293 -2.26 -12.25 -4.29
C ASP A 293 -2.12 -12.11 -2.78
N MET A 294 -2.91 -11.22 -2.22
CA MET A 294 -2.81 -10.96 -0.79
C MET A 294 -3.35 -12.07 0.05
N ASN A 295 -4.27 -12.89 -0.51
CA ASN A 295 -4.78 -14.02 0.25
C ASN A 295 -3.71 -15.11 0.36
N TYR A 296 -2.94 -15.30 -0.71
CA TYR A 296 -1.83 -16.24 -0.67
C TYR A 296 -0.83 -15.80 0.38
N TRP A 297 -0.48 -14.51 0.39
CA TRP A 297 0.43 -13.98 1.39
C TRP A 297 -0.17 -14.13 2.79
N ALA A 298 -1.46 -13.84 2.98
CA ALA A 298 -2.07 -13.95 4.31
C ALA A 298 -1.92 -15.40 4.83
N GLN A 299 -2.08 -16.39 3.94
CA GLN A 299 -2.02 -17.82 4.34
C GLN A 299 -0.61 -18.24 4.71
N HIS A 300 0.42 -17.54 4.23
CA HIS A 300 1.81 -17.92 4.44
C HIS A 300 2.59 -16.76 5.05
N ARG A 301 1.88 -15.84 5.71
CA ARG A 301 2.52 -14.58 6.11
C ARG A 301 3.73 -14.69 6.98
N ASP A 302 3.61 -15.51 8.06
CA ASP A 302 4.72 -15.62 8.99
C ASP A 302 5.92 -16.30 8.35
N GLU A 303 5.67 -17.33 7.55
CA GLU A 303 6.77 -18.06 6.95
C GLU A 303 7.51 -17.26 5.90
N ILE A 304 6.77 -16.54 5.06
CA ILE A 304 7.47 -15.69 4.08
C ILE A 304 8.27 -14.63 4.83
N GLY A 305 7.67 -14.05 5.89
CA GLY A 305 8.39 -13.03 6.65
C GLY A 305 9.70 -13.54 7.23
N GLU A 306 9.67 -14.73 7.83
CA GLU A 306 10.89 -15.32 8.40
C GLU A 306 11.96 -15.47 7.33
N ARG A 307 11.58 -15.98 6.16
CA ARG A 307 12.52 -16.17 5.06
C ARG A 307 13.06 -14.86 4.51
N TRP A 308 12.17 -13.86 4.38
CA TRP A 308 12.55 -12.56 3.89
C TRP A 308 13.60 -11.89 4.79
N TYR A 309 13.34 -11.84 6.10
CA TYR A 309 14.30 -11.20 7.01
C TYR A 309 15.59 -11.99 7.13
N ALA A 310 15.51 -13.33 7.09
CA ALA A 310 16.73 -14.15 7.12
C ALA A 310 17.56 -13.92 5.87
N TRP A 311 16.90 -13.78 4.70
CA TRP A 311 17.62 -13.53 3.47
C TRP A 311 18.30 -12.14 3.53
N GLN A 312 17.58 -11.13 4.03
CA GLN A 312 18.16 -9.79 4.13
C GLN A 312 19.45 -9.81 4.94
N ALA A 313 19.48 -10.64 6.00
CA ALA A 313 20.65 -10.73 6.89
C ALA A 313 21.77 -11.66 6.40
N LYS A 314 21.49 -12.46 5.38
CA LYS A 314 22.46 -13.41 4.79
C LYS A 314 23.64 -12.68 4.14
C1 GOL B . 4.85 -1.73 8.85
O1 GOL B . 5.29 -1.63 7.50
C2 GOL B . 5.28 -3.06 9.43
O2 GOL B . 6.66 -3.30 9.15
C3 GOL B . 5.08 -3.02 10.93
O3 GOL B . 5.36 -4.27 11.51
C1 GOL C . -22.88 6.94 -0.63
O1 GOL C . -22.76 7.67 0.57
C2 GOL C . -22.84 5.45 -0.36
O2 GOL C . -23.99 4.84 -0.96
C3 GOL C . -21.60 4.87 -0.97
O3 GOL C . -21.46 3.49 -0.67
C1 GOL D . -8.92 -4.21 -12.97
O1 GOL D . -9.07 -2.96 -13.63
C2 GOL D . -9.89 -4.32 -11.81
O2 GOL D . -9.89 -5.67 -11.34
C3 GOL D . -9.49 -3.39 -10.69
O3 GOL D . -10.62 -3.08 -9.90
N ABU E . 0.42 0.12 1.96
CD ABU E . 0.36 1.19 0.96
CB ABU E . 0.66 2.53 1.56
CG ABU E . 0.56 3.59 0.51
C ABU E . 0.97 4.98 0.93
O ABU E . 1.24 5.86 -0.03
OXT ABU E . 1.16 5.32 2.18
S SO4 F . 10.68 -22.27 -2.09
O1 SO4 F . 10.42 -22.63 -0.72
O2 SO4 F . 10.65 -23.50 -2.93
O3 SO4 F . 9.67 -21.34 -2.59
O4 SO4 F . 11.98 -21.64 -2.10
#